data_1N12
#
_entry.id   1N12
#
_cell.length_a   25.254
_cell.length_b   91.922
_cell.length_c   51.244
_cell.angle_alpha   90.00
_cell.angle_beta   99.26
_cell.angle_gamma   90.00
#
_symmetry.space_group_name_H-M   'P 1 21 1'
#
loop_
_entity.id
_entity.type
_entity.pdbx_description
1 polymer 'mature Fimbrial protein PapE'
2 polymer 'Peptide corresponding to the N-terminal extension of protein PapK'
3 water water
#
loop_
_entity_poly.entity_id
_entity_poly.type
_entity_poly.pdbx_seq_one_letter_code
_entity_poly.pdbx_strand_id
1 'polypeptide(L)'
;VPACTVSNTTVDWQDVEIQTLSQNGNHEKEFTVN(MSE)RCPYNLGT(MSE)KVTITATNTYNNAILVQNTSNTSSDGLL
VYLYNSNAGNIGTAITLGTPFTPGKITGNNADKTISLHAKLGYKGN(MSE)QNLIAGPFSATATLVASYS
;
A,C
2 'polypeptide(L)' SDVAFRGNLLD B,D
#
# COMPACT_ATOMS: atom_id res chain seq x y z
N VAL A 1 18.81 -21.78 5.16
CA VAL A 1 17.89 -22.27 6.22
C VAL A 1 16.54 -21.58 6.09
N PRO A 2 15.50 -22.15 6.72
CA PRO A 2 14.19 -21.52 6.62
C PRO A 2 14.18 -20.15 7.29
N ALA A 3 13.55 -19.18 6.64
CA ALA A 3 13.45 -17.85 7.21
C ALA A 3 12.33 -17.90 8.23
N CYS A 4 12.32 -16.96 9.16
CA CYS A 4 11.28 -16.93 10.17
C CYS A 4 9.98 -16.45 9.55
N THR A 5 8.86 -16.82 10.17
CA THR A 5 7.56 -16.37 9.72
C THR A 5 7.20 -15.19 10.61
N VAL A 6 7.23 -13.99 10.03
CA VAL A 6 6.95 -12.76 10.76
C VAL A 6 5.46 -12.42 10.85
N SER A 7 5.03 -12.07 12.06
CA SER A 7 3.63 -11.68 12.29
C SER A 7 3.46 -10.19 11.98
N ASN A 8 2.40 -9.86 11.25
CA ASN A 8 2.12 -8.48 10.92
C ASN A 8 1.90 -7.66 12.19
N THR A 9 2.31 -6.40 12.16
CA THR A 9 2.08 -5.55 13.30
C THR A 9 1.90 -4.11 12.85
N THR A 10 1.43 -3.28 13.76
CA THR A 10 1.19 -1.88 13.47
C THR A 10 1.74 -1.00 14.57
N VAL A 11 2.33 0.11 14.17
CA VAL A 11 2.88 1.09 15.10
C VAL A 11 1.96 2.29 14.93
N ASP A 12 1.20 2.61 15.98
CA ASP A 12 0.24 3.71 15.90
C ASP A 12 0.57 4.86 16.85
N TRP A 13 0.81 6.03 16.26
CA TRP A 13 1.16 7.23 17.01
C TRP A 13 -0.05 8.02 17.51
N GLN A 14 -1.26 7.64 17.08
CA GLN A 14 -2.44 8.37 17.50
C GLN A 14 -2.31 9.78 16.95
N ASP A 15 -2.68 10.78 17.76
CA ASP A 15 -2.58 12.15 17.32
C ASP A 15 -1.18 12.74 17.45
N VAL A 16 -0.72 13.36 16.37
CA VAL A 16 0.60 13.99 16.36
C VAL A 16 0.44 15.41 15.84
N GLU A 17 0.74 16.39 16.69
CA GLU A 17 0.64 17.80 16.29
C GLU A 17 1.79 18.17 15.38
N ILE A 18 1.45 18.63 14.18
CA ILE A 18 2.45 19.00 13.19
C ILE A 18 3.49 19.95 13.76
N GLN A 19 3.02 20.98 14.47
CA GLN A 19 3.92 21.99 15.04
C GLN A 19 4.97 21.43 15.98
N THR A 20 4.79 20.19 16.44
CA THR A 20 5.74 19.59 17.37
C THR A 20 6.75 18.64 16.73
N LEU A 21 6.66 18.47 15.41
CA LEU A 21 7.56 17.57 14.70
C LEU A 21 8.94 18.16 14.48
N SER A 22 9.95 17.32 14.65
CA SER A 22 11.33 17.70 14.42
C SER A 22 11.67 17.16 13.05
N GLN A 23 12.31 17.98 12.23
CA GLN A 23 12.67 17.54 10.90
C GLN A 23 13.57 16.32 10.93
N ASN A 24 14.45 16.25 11.94
CA ASN A 24 15.39 15.14 12.07
C ASN A 24 14.71 13.90 12.65
N GLY A 25 13.51 14.10 13.18
CA GLY A 25 12.77 13.00 13.74
C GLY A 25 12.70 12.98 15.26
N ASN A 26 11.48 12.94 15.78
CA ASN A 26 11.27 12.85 17.21
C ASN A 26 10.04 11.99 17.43
N HIS A 27 9.29 12.21 18.50
CA HIS A 27 8.11 11.38 18.76
C HIS A 27 8.52 9.90 18.79
N GLU A 28 9.68 9.63 19.39
CA GLU A 28 10.22 8.28 19.48
C GLU A 28 9.17 7.31 20.03
N LYS A 29 9.07 6.15 19.39
CA LYS A 29 8.12 5.14 19.83
C LYS A 29 8.74 3.74 19.72
N GLU A 30 8.64 2.97 20.80
CA GLU A 30 9.18 1.62 20.81
C GLU A 30 8.09 0.66 20.37
N PHE A 31 8.47 -0.39 19.66
CA PHE A 31 7.48 -1.36 19.21
C PHE A 31 8.11 -2.73 19.11
N THR A 32 7.28 -3.76 19.12
CA THR A 32 7.79 -5.11 19.01
C THR A 32 7.29 -5.82 17.77
N VAL A 33 8.04 -6.84 17.36
CA VAL A 33 7.71 -7.65 16.22
C VAL A 33 7.85 -9.08 16.70
N ASN A 34 6.82 -9.88 16.48
CA ASN A 34 6.84 -11.28 16.88
C ASN A 34 7.04 -12.12 15.64
N ARG A 36 7.96 -16.47 14.18
CA ARG A 36 8.12 -17.89 14.45
C ARG A 36 9.39 -18.31 13.72
N CYS A 37 10.39 -18.76 14.46
CA CYS A 37 11.65 -19.17 13.84
C CYS A 37 12.02 -20.62 14.16
N PRO A 38 11.51 -21.58 13.37
CA PRO A 38 11.81 -23.00 13.58
C PRO A 38 13.32 -23.24 13.67
N TYR A 39 14.07 -22.56 12.80
CA TYR A 39 15.51 -22.69 12.80
C TYR A 39 16.03 -21.44 13.51
N ASN A 40 16.60 -21.61 14.69
CA ASN A 40 17.08 -20.45 15.42
C ASN A 40 18.49 -20.61 15.99
N LEU A 41 19.35 -21.29 15.24
CA LEU A 41 20.73 -21.47 15.68
C LEU A 41 21.57 -20.36 15.06
N GLY A 42 22.55 -19.86 15.79
CA GLY A 42 23.38 -18.81 15.26
C GLY A 42 22.82 -17.46 15.70
N THR A 43 22.84 -16.48 14.82
CA THR A 43 22.35 -15.15 15.15
C THR A 43 21.28 -14.70 14.16
N LYS A 45 19.29 -12.25 11.71
CA LYS A 45 19.57 -11.10 10.87
C LYS A 45 18.22 -10.62 10.34
N VAL A 46 17.98 -9.33 10.49
CA VAL A 46 16.72 -8.74 10.05
C VAL A 46 16.98 -7.71 8.96
N THR A 47 16.13 -7.69 7.95
CA THR A 47 16.26 -6.71 6.88
C THR A 47 14.90 -6.07 6.69
N ILE A 48 14.87 -4.74 6.68
CA ILE A 48 13.62 -4.01 6.51
C ILE A 48 13.69 -3.18 5.23
N THR A 49 12.66 -3.32 4.39
CA THR A 49 12.60 -2.60 3.13
C THR A 49 11.25 -1.90 2.98
N ALA A 50 11.21 -0.88 2.14
CA ALA A 50 9.97 -0.15 1.92
C ALA A 50 9.98 0.34 0.47
N THR A 51 8.79 0.49 -0.10
CA THR A 51 8.64 0.93 -1.49
C THR A 51 8.84 2.43 -1.68
N ASN A 52 8.44 3.20 -0.68
CA ASN A 52 8.60 4.65 -0.75
C ASN A 52 9.54 5.11 0.34
N THR A 53 10.72 5.57 -0.05
CA THR A 53 11.72 5.99 0.92
C THR A 53 12.44 7.26 0.54
N TYR A 54 13.13 7.82 1.52
CA TYR A 54 13.94 9.01 1.32
C TYR A 54 15.07 9.00 2.34
N ASN A 55 16.29 8.93 1.83
CA ASN A 55 17.47 8.92 2.67
C ASN A 55 17.35 8.03 3.90
N ASN A 56 17.00 6.77 3.66
CA ASN A 56 16.90 5.77 4.72
C ASN A 56 15.68 5.88 5.63
N ALA A 57 14.69 6.65 5.23
CA ALA A 57 13.48 6.77 6.02
C ALA A 57 12.30 6.39 5.14
N ILE A 58 11.22 5.93 5.75
CA ILE A 58 10.02 5.57 5.02
C ILE A 58 9.30 6.88 4.75
N LEU A 59 8.98 7.14 3.49
CA LEU A 59 8.30 8.36 3.11
C LEU A 59 6.80 8.09 3.06
N VAL A 60 6.05 8.72 3.96
CA VAL A 60 4.61 8.52 4.03
C VAL A 60 3.87 9.28 2.91
N GLN A 61 3.18 8.52 2.07
CA GLN A 61 2.44 9.09 0.95
C GLN A 61 1.31 10.03 1.38
N ASN A 62 1.04 11.01 0.53
CA ASN A 62 -0.02 11.97 0.74
C ASN A 62 0.03 12.76 2.06
N THR A 63 1.21 13.16 2.49
CA THR A 63 1.30 13.94 3.73
C THR A 63 1.88 15.34 3.49
N SER A 64 2.09 15.69 2.24
CA SER A 64 2.61 17.02 1.90
C SER A 64 2.03 17.52 0.58
N ASN A 65 1.89 18.84 0.47
CA ASN A 65 1.36 19.43 -0.75
C ASN A 65 2.24 19.01 -1.92
N THR A 66 3.53 18.84 -1.64
CA THR A 66 4.48 18.37 -2.65
C THR A 66 4.54 16.86 -2.51
N SER A 67 4.10 16.14 -3.53
CA SER A 67 4.07 14.69 -3.49
C SER A 67 5.39 13.99 -3.17
N SER A 68 6.52 14.65 -3.42
CA SER A 68 7.81 14.03 -3.15
C SER A 68 8.35 14.37 -1.76
N ASP A 69 7.61 15.20 -1.02
CA ASP A 69 7.97 15.59 0.34
C ASP A 69 6.97 14.87 1.26
N GLY A 70 7.07 15.12 2.56
CA GLY A 70 6.15 14.49 3.47
C GLY A 70 6.73 13.97 4.76
N LEU A 71 5.87 13.29 5.53
CA LEU A 71 6.26 12.72 6.81
C LEU A 71 7.27 11.60 6.57
N LEU A 72 8.19 11.45 7.51
CA LEU A 72 9.22 10.43 7.42
C LEU A 72 9.24 9.55 8.65
N VAL A 73 9.45 8.25 8.45
CA VAL A 73 9.54 7.34 9.58
C VAL A 73 10.97 6.78 9.60
N TYR A 74 11.71 7.08 10.66
CA TYR A 74 13.09 6.59 10.80
C TYR A 74 13.06 5.41 11.75
N LEU A 75 13.77 4.34 11.41
CA LEU A 75 13.78 3.15 12.25
C LEU A 75 15.14 2.96 12.92
N TYR A 76 15.12 2.42 14.12
CA TYR A 76 16.33 2.20 14.90
C TYR A 76 16.34 0.85 15.61
N ASN A 77 17.53 0.28 15.77
CA ASN A 77 17.69 -0.97 16.47
C ASN A 77 17.48 -0.63 17.95
N SER A 78 17.44 -1.65 18.80
N SER A 78 17.44 -1.64 18.81
CA SER A 78 17.26 -1.42 20.22
CA SER A 78 17.27 -1.40 20.24
C SER A 78 18.43 -2.00 21.01
C SER A 78 18.44 -1.99 21.00
N ASN A 79 18.84 -1.31 22.07
CA ASN A 79 19.94 -1.78 22.90
C ASN A 79 19.42 -1.85 24.34
N ALA A 80 18.92 -3.02 24.72
CA ALA A 80 18.38 -3.22 26.06
C ALA A 80 17.32 -2.19 26.44
N GLY A 81 16.36 -1.96 25.55
CA GLY A 81 15.31 -1.01 25.86
C GLY A 81 15.66 0.43 25.52
N ASN A 82 16.92 0.68 25.18
CA ASN A 82 17.35 2.02 24.79
C ASN A 82 17.52 2.08 23.30
N ILE A 83 17.17 3.22 22.71
CA ILE A 83 17.28 3.37 21.27
C ILE A 83 18.72 3.09 20.86
N GLY A 84 18.89 2.37 19.77
CA GLY A 84 20.21 2.04 19.30
C GLY A 84 20.54 2.68 17.97
N THR A 85 21.42 2.04 17.23
CA THR A 85 21.84 2.57 15.95
C THR A 85 20.73 2.56 14.91
N ALA A 86 20.71 3.60 14.08
CA ALA A 86 19.71 3.72 13.04
C ALA A 86 19.78 2.51 12.12
N ILE A 87 18.64 2.15 11.55
CA ILE A 87 18.59 1.02 10.63
C ILE A 87 18.71 1.50 9.20
N THR A 88 19.61 0.91 8.43
CA THR A 88 19.74 1.27 7.03
C THR A 88 18.80 0.32 6.29
N LEU A 89 17.85 0.88 5.56
CA LEU A 89 16.90 0.03 4.85
C LEU A 89 17.57 -0.85 3.82
N GLY A 90 17.11 -2.09 3.72
CA GLY A 90 17.70 -3.00 2.75
C GLY A 90 18.97 -3.72 3.17
N THR A 91 19.49 -3.41 4.36
CA THR A 91 20.70 -4.10 4.82
C THR A 91 20.42 -4.88 6.09
N PRO A 92 21.13 -6.00 6.29
CA PRO A 92 20.89 -6.80 7.50
C PRO A 92 21.48 -6.23 8.78
N PHE A 93 20.73 -6.42 9.86
CA PHE A 93 21.20 -5.98 11.16
C PHE A 93 20.73 -7.03 12.15
N THR A 94 21.44 -7.14 13.26
CA THR A 94 21.06 -8.09 14.28
C THR A 94 20.37 -7.32 15.39
N PRO A 95 19.11 -7.66 15.69
CA PRO A 95 18.35 -6.98 16.73
C PRO A 95 19.11 -7.04 18.05
N GLY A 96 19.14 -5.91 18.76
CA GLY A 96 19.84 -5.85 20.02
C GLY A 96 19.00 -6.33 21.18
N LYS A 97 17.69 -6.43 20.97
CA LYS A 97 16.80 -6.90 22.02
C LYS A 97 15.90 -8.01 21.47
N ILE A 98 16.22 -9.24 21.83
CA ILE A 98 15.45 -10.40 21.39
C ILE A 98 15.00 -11.20 22.60
N THR A 99 13.72 -11.57 22.65
CA THR A 99 13.22 -12.37 23.77
C THR A 99 12.53 -13.62 23.26
N GLY A 100 12.47 -14.64 24.12
CA GLY A 100 11.84 -15.90 23.76
C GLY A 100 12.90 -16.98 23.65
N ASN A 101 12.86 -17.96 24.56
CA ASN A 101 13.84 -19.03 24.56
C ASN A 101 13.48 -20.15 23.60
N ASN A 102 12.26 -20.10 23.07
CA ASN A 102 11.81 -21.13 22.15
C ASN A 102 11.72 -20.58 20.72
N ALA A 103 11.01 -21.29 19.84
CA ALA A 103 10.88 -20.85 18.45
C ALA A 103 10.13 -19.52 18.34
N ASP A 104 9.38 -19.18 19.38
CA ASP A 104 8.63 -17.93 19.41
C ASP A 104 9.55 -16.80 19.85
N LYS A 105 9.92 -15.95 18.89
CA LYS A 105 10.82 -14.82 19.17
C LYS A 105 10.13 -13.47 19.06
N THR A 106 10.61 -12.51 19.84
CA THR A 106 10.10 -11.15 19.84
C THR A 106 11.28 -10.18 19.85
N ILE A 107 11.29 -9.22 18.93
CA ILE A 107 12.37 -8.24 18.89
C ILE A 107 11.79 -6.86 19.15
N SER A 108 12.60 -5.98 19.69
CA SER A 108 12.16 -4.61 19.96
C SER A 108 12.91 -3.65 19.07
N LEU A 109 12.17 -2.69 18.50
CA LEU A 109 12.75 -1.68 17.62
C LEU A 109 12.18 -0.34 18.03
N HIS A 110 12.76 0.74 17.48
CA HIS A 110 12.32 2.08 17.78
C HIS A 110 12.07 2.81 16.48
N ALA A 111 11.13 3.74 16.51
CA ALA A 111 10.80 4.52 15.32
C ALA A 111 10.59 5.97 15.75
N LYS A 112 10.97 6.89 14.87
CA LYS A 112 10.81 8.32 15.10
C LYS A 112 10.12 8.90 13.86
N LEU A 113 9.41 10.02 14.04
CA LEU A 113 8.73 10.69 12.94
C LEU A 113 9.47 11.98 12.63
N GLY A 114 9.73 12.20 11.34
CA GLY A 114 10.40 13.41 10.91
C GLY A 114 9.67 13.85 9.67
N TYR A 115 10.26 14.73 8.87
CA TYR A 115 9.58 15.15 7.66
C TYR A 115 10.53 15.74 6.64
N LYS A 116 10.11 15.67 5.39
CA LYS A 116 10.86 16.18 4.26
C LYS A 116 10.11 17.42 3.77
N GLY A 117 10.85 18.44 3.35
CA GLY A 117 10.20 19.65 2.86
C GLY A 117 9.84 20.61 3.98
N ASN A 118 9.02 21.61 3.68
CA ASN A 118 8.63 22.59 4.68
C ASN A 118 7.51 22.08 5.57
N GLN A 120 5.15 23.74 6.73
CA GLN A 120 3.89 24.36 6.31
C GLN A 120 3.18 23.64 5.18
N ASN A 121 3.90 22.77 4.47
CA ASN A 121 3.33 22.01 3.37
C ASN A 121 2.77 20.66 3.84
N LEU A 122 2.95 20.33 5.10
CA LEU A 122 2.46 19.07 5.62
C LEU A 122 0.93 19.10 5.69
N ILE A 123 0.31 17.97 5.36
CA ILE A 123 -1.14 17.85 5.34
C ILE A 123 -1.67 17.14 6.58
N ALA A 124 -2.61 17.77 7.28
CA ALA A 124 -3.18 17.16 8.48
C ALA A 124 -4.13 16.04 8.08
N GLY A 125 -4.35 15.12 9.02
CA GLY A 125 -5.25 14.01 8.75
C GLY A 125 -4.58 12.66 8.91
N PRO A 126 -5.38 11.58 8.91
CA PRO A 126 -4.86 10.22 9.04
C PRO A 126 -3.80 9.90 8.00
N PHE A 127 -2.75 9.19 8.43
CA PHE A 127 -1.69 8.80 7.51
C PHE A 127 -1.36 7.34 7.74
N SER A 128 -0.82 6.69 6.71
CA SER A 128 -0.46 5.28 6.84
C SER A 128 0.67 4.95 5.88
N ALA A 129 1.53 4.02 6.30
CA ALA A 129 2.66 3.58 5.47
C ALA A 129 3.01 2.15 5.91
N THR A 130 3.78 1.45 5.11
CA THR A 130 4.12 0.09 5.44
C THR A 130 5.55 -0.25 5.04
N ALA A 131 6.12 -1.25 5.70
CA ALA A 131 7.46 -1.70 5.41
C ALA A 131 7.46 -3.21 5.52
N THR A 132 8.37 -3.86 4.77
CA THR A 132 8.47 -5.30 4.82
C THR A 132 9.63 -5.66 5.72
N LEU A 133 9.43 -6.68 6.54
CA LEU A 133 10.48 -7.11 7.46
C LEU A 133 10.71 -8.61 7.29
N VAL A 134 11.95 -8.99 6.99
CA VAL A 134 12.29 -10.39 6.85
C VAL A 134 13.33 -10.70 7.90
N ALA A 135 13.33 -11.93 8.40
CA ALA A 135 14.28 -12.32 9.42
C ALA A 135 14.63 -13.80 9.30
N SER A 136 15.90 -14.12 9.52
CA SER A 136 16.36 -15.50 9.47
C SER A 136 17.66 -15.62 10.24
N TYR A 137 17.92 -16.82 10.75
CA TYR A 137 19.14 -17.09 11.52
C TYR A 137 20.26 -17.64 10.66
N SER A 138 21.49 -17.42 11.10
CA SER A 138 22.67 -17.90 10.37
C SER A 138 23.92 -17.61 11.20
N SER B 1 6.91 -10.55 6.44
CA SER B 1 5.62 -9.90 6.83
C SER B 1 5.77 -8.39 6.76
N ASP B 2 4.82 -7.67 7.34
CA ASP B 2 4.84 -6.21 7.28
C ASP B 2 4.59 -5.49 8.59
N VAL B 3 5.09 -4.26 8.65
CA VAL B 3 4.91 -3.41 9.81
C VAL B 3 4.24 -2.16 9.27
N ALA B 4 3.07 -1.84 9.81
CA ALA B 4 2.35 -0.67 9.37
C ALA B 4 2.61 0.47 10.34
N PHE B 5 2.70 1.68 9.81
CA PHE B 5 2.92 2.85 10.64
C PHE B 5 1.74 3.76 10.35
N ARG B 6 1.06 4.22 11.40
CA ARG B 6 -0.08 5.09 11.18
C ARG B 6 -0.24 6.12 12.29
N GLY B 7 -1.10 7.10 12.03
CA GLY B 7 -1.35 8.13 13.01
C GLY B 7 -2.25 9.18 12.40
N ASN B 8 -2.37 10.31 13.08
CA ASN B 8 -3.19 11.41 12.59
C ASN B 8 -2.45 12.72 12.83
N LEU B 9 -2.06 13.38 11.76
CA LEU B 9 -1.35 14.65 11.88
C LEU B 9 -2.39 15.74 12.12
N LEU B 10 -2.15 16.57 13.12
CA LEU B 10 -3.08 17.66 13.45
C LEU B 10 -2.47 19.03 13.23
N ASP B 11 -3.27 19.95 12.67
CA ASP B 11 -2.81 21.32 12.46
C ASP B 11 -2.77 22.04 13.80
N VAL C 1 -0.18 -25.87 -17.61
CA VAL C 1 -0.38 -25.02 -16.40
C VAL C 1 -1.63 -24.19 -16.57
N PRO C 2 -2.75 -24.65 -15.99
CA PRO C 2 -4.01 -23.91 -16.10
C PRO C 2 -3.94 -22.53 -15.47
N ALA C 3 -4.68 -21.58 -16.04
CA ALA C 3 -4.73 -20.22 -15.51
C ALA C 3 -5.79 -20.24 -14.43
N CYS C 4 -6.03 -19.10 -13.80
CA CYS C 4 -7.04 -19.02 -12.77
C CYS C 4 -8.37 -18.67 -13.41
N THR C 5 -9.45 -19.00 -12.74
CA THR C 5 -10.79 -18.68 -13.21
C THR C 5 -11.21 -17.48 -12.36
N VAL C 6 -11.37 -16.32 -12.98
CA VAL C 6 -11.71 -15.11 -12.24
C VAL C 6 -13.21 -14.87 -12.13
N SER C 7 -13.67 -14.53 -10.92
CA SER C 7 -15.08 -14.24 -10.70
C SER C 7 -15.37 -12.80 -11.05
N ASN C 8 -16.44 -12.58 -11.80
CA ASN C 8 -16.80 -11.22 -12.20
C ASN C 8 -17.18 -10.45 -10.94
N THR C 9 -16.88 -9.17 -10.93
CA THR C 9 -17.23 -8.33 -9.80
C THR C 9 -17.46 -6.91 -10.27
N THR C 10 -17.96 -6.06 -9.38
CA THR C 10 -18.24 -4.67 -9.70
C THR C 10 -17.74 -3.73 -8.62
N VAL C 11 -17.15 -2.61 -9.06
CA VAL C 11 -16.68 -1.59 -8.15
C VAL C 11 -17.72 -0.49 -8.35
N ASP C 12 -18.49 -0.22 -7.31
CA ASP C 12 -19.59 0.74 -7.37
C ASP C 12 -19.35 1.99 -6.53
N TRP C 13 -19.25 3.14 -7.18
CA TRP C 13 -19.05 4.40 -6.48
C TRP C 13 -20.39 5.02 -6.12
N GLN C 14 -21.47 4.47 -6.64
CA GLN C 14 -22.80 5.03 -6.38
C GLN C 14 -22.81 6.49 -6.84
N ASP C 15 -23.39 7.39 -6.05
CA ASP C 15 -23.45 8.80 -6.46
C ASP C 15 -22.13 9.54 -6.18
N VAL C 16 -21.65 10.28 -7.17
CA VAL C 16 -20.41 11.05 -7.05
C VAL C 16 -20.63 12.47 -7.58
N GLU C 17 -20.34 13.47 -6.75
CA GLU C 17 -20.50 14.87 -7.16
C GLU C 17 -19.39 15.29 -8.09
N ILE C 18 -19.74 15.66 -9.31
CA ILE C 18 -18.76 16.08 -10.30
C ILE C 18 -17.77 17.13 -9.76
N GLN C 19 -18.29 18.14 -9.09
CA GLN C 19 -17.43 19.19 -8.55
C GLN C 19 -16.38 18.71 -7.55
N THR C 20 -16.55 17.49 -7.04
CA THR C 20 -15.60 16.97 -6.07
C THR C 20 -14.49 16.10 -6.69
N LEU C 21 -14.53 15.96 -8.02
CA LEU C 21 -13.54 15.15 -8.72
C LEU C 21 -12.19 15.84 -8.89
N SER C 22 -11.13 15.06 -8.79
CA SER C 22 -9.78 15.57 -8.99
C SER C 22 -9.34 15.05 -10.35
N GLN C 23 -8.77 15.91 -11.17
CA GLN C 23 -8.33 15.46 -12.49
C GLN C 23 -7.39 14.27 -12.42
N ASN C 24 -6.44 14.32 -11.48
CA ASN C 24 -5.46 13.24 -11.34
C ASN C 24 -6.04 12.01 -10.64
N GLY C 25 -7.24 12.15 -10.08
CA GLY C 25 -7.87 11.02 -9.41
C GLY C 25 -8.01 11.09 -7.90
N ASN C 26 -9.21 10.83 -7.42
CA ASN C 26 -9.48 10.79 -5.99
C ASN C 26 -10.66 9.83 -5.80
N HIS C 27 -11.40 9.95 -4.69
CA HIS C 27 -12.49 9.03 -4.46
C HIS C 27 -11.93 7.61 -4.48
N GLU C 28 -10.77 7.45 -3.86
CA GLU C 28 -10.06 6.17 -3.80
C GLU C 28 -10.92 5.09 -3.16
N LYS C 29 -10.98 3.93 -3.81
CA LYS C 29 -11.73 2.80 -3.28
C LYS C 29 -10.93 1.52 -3.38
N GLU C 30 -10.94 0.74 -2.30
N GLU C 30 -10.92 0.73 -2.30
CA GLU C 30 -10.24 -0.54 -2.27
CA GLU C 30 -10.21 -0.53 -2.32
C GLU C 30 -11.25 -1.59 -2.67
C GLU C 30 -11.25 -1.55 -2.73
N PHE C 31 -10.86 -2.56 -3.49
CA PHE C 31 -11.79 -3.59 -3.90
C PHE C 31 -11.12 -4.93 -4.03
N THR C 32 -11.93 -5.97 -3.97
CA THR C 32 -11.39 -7.31 -4.06
C THR C 32 -11.88 -8.05 -5.30
N VAL C 33 -11.05 -8.96 -5.77
CA VAL C 33 -11.37 -9.79 -6.92
C VAL C 33 -11.14 -11.21 -6.42
N ASN C 34 -12.10 -12.10 -6.65
CA ASN C 34 -11.96 -13.48 -6.22
C ASN C 34 -11.67 -14.34 -7.42
N ARG C 36 -10.34 -18.70 -8.62
CA ARG C 36 -10.03 -20.07 -8.25
C ARG C 36 -8.80 -20.42 -9.06
N CYS C 37 -7.71 -20.74 -8.39
CA CYS C 37 -6.47 -21.09 -9.07
C CYS C 37 -6.03 -22.49 -8.70
N PRO C 38 -6.51 -23.52 -9.45
CA PRO C 38 -6.17 -24.93 -9.20
C PRO C 38 -4.66 -25.07 -9.09
N TYR C 39 -3.95 -24.32 -9.92
CA TYR C 39 -2.49 -24.33 -9.90
C TYR C 39 -2.09 -23.03 -9.22
N ASN C 40 -1.57 -23.13 -8.01
CA ASN C 40 -1.17 -21.94 -7.29
C ASN C 40 0.25 -22.01 -6.75
N LEU C 41 1.13 -22.64 -7.51
CA LEU C 41 2.53 -22.75 -7.11
C LEU C 41 3.27 -21.55 -7.68
N GLY C 42 4.24 -21.04 -6.92
CA GLY C 42 5.00 -19.89 -7.38
C GLY C 42 4.30 -18.60 -7.00
N THR C 43 4.35 -17.61 -7.88
CA THR C 43 3.69 -16.32 -7.63
C THR C 43 2.68 -16.01 -8.71
N LYS C 45 0.45 -13.76 -11.31
CA LYS C 45 0.68 -12.65 -12.23
C LYS C 45 -0.68 -12.21 -12.76
N VAL C 46 -0.98 -10.93 -12.67
CA VAL C 46 -2.26 -10.41 -13.14
C VAL C 46 -2.12 -9.39 -14.26
N THR C 47 -3.00 -9.47 -15.25
CA THR C 47 -2.98 -8.53 -16.35
C THR C 47 -4.39 -7.96 -16.54
N ILE C 48 -4.49 -6.63 -16.50
CA ILE C 48 -5.77 -5.95 -16.66
C ILE C 48 -5.75 -5.15 -17.96
N THR C 49 -6.79 -5.35 -18.77
CA THR C 49 -6.88 -4.66 -20.04
C THR C 49 -8.24 -4.00 -20.21
N ALA C 50 -8.31 -2.96 -21.03
CA ALA C 50 -9.54 -2.25 -21.29
C ALA C 50 -9.56 -1.88 -22.76
N THR C 51 -10.74 -1.69 -23.32
CA THR C 51 -10.87 -1.33 -24.73
C THR C 51 -10.68 0.17 -24.96
N ASN C 52 -11.17 0.98 -24.04
CA ASN C 52 -11.03 2.43 -24.14
C ASN C 52 -10.14 2.90 -23.01
N THR C 53 -8.98 3.44 -23.37
CA THR C 53 -8.03 3.89 -22.38
C THR C 53 -7.47 5.26 -22.67
N TYR C 54 -6.83 5.82 -21.66
CA TYR C 54 -6.19 7.12 -21.77
C TYR C 54 -5.21 7.23 -20.62
N ASN C 55 -3.93 7.38 -20.96
CA ASN C 55 -2.91 7.53 -19.93
C ASN C 55 -2.92 6.38 -18.92
N ASN C 56 -3.15 5.17 -19.42
CA ASN C 56 -3.21 3.97 -18.60
C ASN C 56 -4.37 3.97 -17.61
N ALA C 57 -5.40 4.72 -17.96
CA ALA C 57 -6.60 4.77 -17.16
C ALA C 57 -7.69 4.31 -18.10
N ILE C 58 -8.76 3.77 -17.52
CA ILE C 58 -9.89 3.33 -18.31
C ILE C 58 -10.69 4.59 -18.61
N LEU C 59 -11.00 4.83 -19.89
CA LEU C 59 -11.77 6.01 -20.28
C LEU C 59 -13.24 5.59 -20.30
N VAL C 60 -14.03 6.18 -19.41
CA VAL C 60 -15.46 5.84 -19.32
C VAL C 60 -16.29 6.47 -20.42
N GLN C 61 -16.95 5.62 -21.21
CA GLN C 61 -17.78 6.08 -22.31
C GLN C 61 -19.03 6.83 -21.86
N ASN C 62 -19.55 7.68 -22.74
CA ASN C 62 -20.75 8.45 -22.50
C ASN C 62 -20.71 9.39 -21.29
N THR C 63 -19.52 9.87 -20.91
CA THR C 63 -19.44 10.80 -19.80
C THR C 63 -19.07 12.17 -20.33
N SER C 64 -19.02 12.26 -21.66
CA SER C 64 -18.69 13.50 -22.36
C SER C 64 -19.03 13.32 -23.84
N ASN C 65 -19.39 14.41 -24.52
CA ASN C 65 -19.74 14.33 -25.92
C ASN C 65 -18.53 14.73 -26.77
N THR C 66 -17.43 15.03 -26.09
CA THR C 66 -16.20 15.44 -26.73
C THR C 66 -15.25 14.25 -26.89
N ASP C 69 -12.02 12.77 -24.12
CA ASP C 69 -12.41 13.49 -22.90
C ASP C 69 -13.48 12.73 -22.13
N GLY C 70 -13.47 12.86 -20.80
CA GLY C 70 -14.45 12.15 -19.99
C GLY C 70 -13.91 11.63 -18.67
N LEU C 71 -14.72 10.82 -17.99
CA LEU C 71 -14.33 10.24 -16.71
C LEU C 71 -13.24 9.19 -16.87
N LEU C 72 -12.34 9.13 -15.90
CA LEU C 72 -11.23 8.18 -15.92
C LEU C 72 -11.17 7.33 -14.67
N VAL C 73 -10.80 6.06 -14.85
CA VAL C 73 -10.64 5.16 -13.73
C VAL C 73 -9.18 4.70 -13.71
N TYR C 74 -8.46 5.06 -12.65
CA TYR C 74 -7.06 4.67 -12.49
C TYR C 74 -6.99 3.48 -11.53
N LEU C 75 -6.15 2.50 -11.86
CA LEU C 75 -6.01 1.30 -11.03
C LEU C 75 -4.64 1.21 -10.39
N TYR C 76 -4.60 0.69 -9.16
CA TYR C 76 -3.36 0.55 -8.41
C TYR C 76 -3.24 -0.78 -7.70
N ASN C 77 -2.01 -1.25 -7.52
CA ASN C 77 -1.75 -2.49 -6.82
C ASN C 77 -1.91 -2.14 -5.35
N SER C 78 -1.92 -3.15 -4.49
N SER C 78 -1.92 -3.15 -4.49
CA SER C 78 -2.07 -2.92 -3.06
CA SER C 78 -2.07 -2.93 -3.06
C SER C 78 -0.81 -3.34 -2.32
C SER C 78 -0.81 -3.34 -2.32
N ASN C 79 -0.50 -2.64 -1.24
CA ASN C 79 0.67 -2.95 -0.44
C ASN C 79 0.20 -3.09 1.00
N ALA C 80 -0.06 -4.33 1.41
CA ALA C 80 -0.52 -4.61 2.77
C ALA C 80 -1.71 -3.73 3.15
N GLY C 81 -2.64 -3.55 2.22
CA GLY C 81 -3.81 -2.74 2.52
C GLY C 81 -3.68 -1.26 2.19
N ASN C 82 -2.46 -0.81 1.91
CA ASN C 82 -2.21 0.59 1.55
C ASN C 82 -2.12 0.65 0.02
N ILE C 83 -2.61 1.73 -0.56
CA ILE C 83 -2.56 1.87 -2.01
C ILE C 83 -1.10 1.78 -2.45
N GLY C 84 -0.85 1.02 -3.51
CA GLY C 84 0.51 0.84 -3.99
C GLY C 84 0.79 1.41 -5.36
N THR C 85 1.65 0.72 -6.10
CA THR C 85 2.06 1.12 -7.44
C THR C 85 0.94 1.13 -8.46
N ALA C 86 0.87 2.20 -9.25
CA ALA C 86 -0.16 2.31 -10.29
C ALA C 86 0.00 1.13 -11.23
N ILE C 87 -1.10 0.66 -11.78
CA ILE C 87 -1.06 -0.46 -12.69
C ILE C 87 -1.01 -0.03 -14.15
N THR C 88 -0.11 -0.64 -14.92
CA THR C 88 0.00 -0.33 -16.33
C THR C 88 -0.93 -1.32 -17.02
N LEU C 89 -1.88 -0.82 -17.79
CA LEU C 89 -2.83 -1.70 -18.46
C LEU C 89 -2.15 -2.54 -19.54
N GLY C 90 -2.35 -3.85 -19.47
CA GLY C 90 -1.76 -4.74 -20.47
C GLY C 90 -0.46 -5.42 -20.07
N THR C 91 0.08 -5.10 -18.90
CA THR C 91 1.32 -5.73 -18.46
C THR C 91 1.07 -6.46 -17.15
N PRO C 92 1.65 -7.65 -16.99
CA PRO C 92 1.45 -8.41 -15.76
C PRO C 92 2.05 -7.74 -14.54
N PHE C 93 1.49 -8.04 -13.37
CA PHE C 93 1.99 -7.50 -12.12
C PHE C 93 1.64 -8.50 -11.05
N THR C 94 2.39 -8.48 -9.97
CA THR C 94 2.14 -9.40 -8.87
C THR C 94 1.36 -8.67 -7.79
N PRO C 95 0.14 -9.12 -7.49
CA PRO C 95 -0.70 -8.50 -6.47
C PRO C 95 0.04 -8.46 -5.12
N GLY C 96 0.03 -7.31 -4.47
CA GLY C 96 0.70 -7.15 -3.20
C GLY C 96 -0.08 -7.67 -2.01
N LYS C 97 -1.38 -7.91 -2.20
CA LYS C 97 -2.21 -8.42 -1.11
C LYS C 97 -3.06 -9.56 -1.67
N ILE C 98 -2.78 -10.77 -1.21
CA ILE C 98 -3.49 -11.96 -1.65
C ILE C 98 -3.90 -12.81 -0.46
N THR C 99 -5.16 -13.19 -0.39
CA THR C 99 -5.64 -14.01 0.72
C THR C 99 -6.16 -15.36 0.22
N GLY C 100 -6.23 -16.33 1.11
CA GLY C 100 -6.69 -17.65 0.74
C GLY C 100 -5.50 -18.60 0.71
N ASN C 101 -5.55 -19.66 1.52
CA ASN C 101 -4.45 -20.62 1.59
C ASN C 101 -4.59 -21.75 0.59
N ASN C 102 -5.81 -21.99 0.14
CA ASN C 102 -6.07 -23.08 -0.80
C ASN C 102 -6.16 -22.63 -2.26
N ALA C 103 -7.14 -23.15 -2.97
CA ALA C 103 -7.32 -22.80 -4.38
C ALA C 103 -8.09 -21.49 -4.56
N ASP C 104 -8.92 -21.16 -3.58
CA ASP C 104 -9.71 -19.93 -3.65
C ASP C 104 -8.93 -18.72 -3.15
N LYS C 105 -8.49 -17.89 -4.10
CA LYS C 105 -7.72 -16.71 -3.78
C LYS C 105 -8.54 -15.43 -3.92
N THR C 106 -8.14 -14.41 -3.17
CA THR C 106 -8.78 -13.10 -3.21
C THR C 106 -7.66 -12.08 -3.22
N ILE C 107 -7.67 -11.18 -4.19
CA ILE C 107 -6.65 -10.15 -4.26
C ILE C 107 -7.29 -8.80 -4.04
N SER C 108 -6.51 -7.87 -3.50
CA SER C 108 -7.00 -6.52 -3.25
C SER C 108 -6.32 -5.52 -4.16
N LEU C 109 -7.10 -4.61 -4.71
CA LEU C 109 -6.59 -3.57 -5.60
C LEU C 109 -7.25 -2.26 -5.21
N HIS C 110 -6.79 -1.17 -5.81
CA HIS C 110 -7.35 0.13 -5.50
C HIS C 110 -7.72 0.83 -6.79
N ALA C 111 -8.78 1.65 -6.75
CA ALA C 111 -9.19 2.39 -7.93
C ALA C 111 -9.50 3.83 -7.50
N LYS C 112 -9.27 4.76 -8.44
CA LYS C 112 -9.53 6.16 -8.21
C LYS C 112 -10.24 6.71 -9.44
N LEU C 113 -11.07 7.75 -9.23
CA LEU C 113 -11.80 8.39 -10.32
C LEU C 113 -11.15 9.73 -10.65
N GLY C 114 -10.93 9.96 -11.93
CA GLY C 114 -10.35 11.22 -12.37
C GLY C 114 -11.06 11.64 -13.63
N TYR C 115 -10.49 12.59 -14.38
CA TYR C 115 -11.13 12.98 -15.62
C TYR C 115 -10.19 13.63 -16.60
N LYS C 116 -10.58 13.59 -17.87
CA LYS C 116 -9.81 14.16 -18.96
C LYS C 116 -10.57 15.38 -19.45
N GLY C 117 -9.85 16.46 -19.76
CA GLY C 117 -10.52 17.66 -20.26
C GLY C 117 -11.07 18.52 -19.14
N ASN C 118 -12.16 19.25 -19.41
CA ASN C 118 -12.77 20.13 -18.43
C ASN C 118 -13.92 19.46 -17.70
N GLN C 120 -16.40 20.65 -16.58
CA GLN C 120 -17.66 21.26 -16.96
C GLN C 120 -18.34 20.57 -18.15
N ASN C 121 -17.60 19.70 -18.83
CA ASN C 121 -18.15 18.98 -19.97
C ASN C 121 -18.63 17.58 -19.58
N LEU C 122 -18.40 17.19 -18.33
CA LEU C 122 -18.81 15.88 -17.86
C LEU C 122 -20.32 15.76 -17.84
N ILE C 123 -20.83 14.64 -18.37
CA ILE C 123 -22.26 14.42 -18.41
C ILE C 123 -22.69 13.67 -17.15
N ALA C 124 -23.67 14.21 -16.45
CA ALA C 124 -24.16 13.59 -15.22
C ALA C 124 -25.04 12.39 -15.55
N GLY C 125 -25.15 11.47 -14.59
CA GLY C 125 -25.97 10.30 -14.81
C GLY C 125 -25.18 9.02 -14.64
N PRO C 126 -25.79 7.87 -14.98
CA PRO C 126 -25.13 6.57 -14.87
C PRO C 126 -23.90 6.44 -15.75
N PHE C 127 -22.84 5.86 -15.20
CA PHE C 127 -21.63 5.64 -15.95
C PHE C 127 -21.17 4.23 -15.66
N SER C 128 -20.55 3.60 -16.65
CA SER C 128 -20.08 2.24 -16.47
C SER C 128 -18.97 1.93 -17.45
N ALA C 129 -18.03 1.10 -17.01
CA ALA C 129 -16.92 0.70 -17.85
C ALA C 129 -16.53 -0.69 -17.39
N THR C 130 -15.90 -1.44 -18.27
CA THR C 130 -15.50 -2.78 -17.95
C THR C 130 -14.07 -3.01 -18.34
N ALA C 131 -13.36 -3.76 -17.50
CA ALA C 131 -11.98 -4.12 -17.77
C ALA C 131 -11.92 -5.63 -17.69
N THR C 132 -10.97 -6.22 -18.40
CA THR C 132 -10.81 -7.66 -18.38
C THR C 132 -9.62 -7.93 -17.46
N LEU C 133 -9.73 -8.97 -16.66
CA LEU C 133 -8.64 -9.31 -15.76
C LEU C 133 -8.32 -10.80 -15.86
N VAL C 134 -7.06 -11.10 -16.13
CA VAL C 134 -6.61 -12.48 -16.24
C VAL C 134 -5.53 -12.72 -15.19
N ALA C 135 -5.47 -13.94 -14.69
CA ALA C 135 -4.48 -14.28 -13.68
C ALA C 135 -4.01 -15.72 -13.82
N SER C 136 -2.74 -15.96 -13.55
CA SER C 136 -2.15 -17.29 -13.62
C SER C 136 -0.86 -17.30 -12.81
N TYR C 137 -0.53 -18.43 -12.20
CA TYR C 137 0.68 -18.53 -11.40
C TYR C 137 1.94 -18.83 -12.22
N SER C 138 2.99 -18.06 -11.93
CA SER C 138 4.29 -18.17 -12.59
C SER C 138 4.18 -18.49 -14.07
N SER D 1 -13.89 -12.93 -15.06
CA SER D 1 -12.80 -12.38 -15.91
C SER D 1 -13.04 -10.91 -16.20
N ASP D 2 -14.14 -10.38 -15.69
CA ASP D 2 -14.47 -8.98 -15.92
C ASP D 2 -14.69 -8.20 -14.64
N VAL D 3 -14.23 -6.95 -14.65
CA VAL D 3 -14.41 -6.07 -13.52
C VAL D 3 -15.12 -4.84 -14.06
N ALA D 4 -16.32 -4.61 -13.57
CA ALA D 4 -17.09 -3.46 -14.00
C ALA D 4 -16.94 -2.36 -12.97
N PHE D 5 -16.86 -1.12 -13.46
CA PHE D 5 -16.74 0.03 -12.60
C PHE D 5 -17.95 0.87 -12.92
N ARG D 6 -18.73 1.20 -11.90
CA ARG D 6 -19.94 1.99 -12.13
C ARG D 6 -20.18 3.00 -11.03
N GLY D 7 -21.13 3.90 -11.31
CA GLY D 7 -21.48 4.93 -10.35
C GLY D 7 -22.47 5.86 -11.02
N ASN D 8 -22.74 6.99 -10.38
CA ASN D 8 -23.66 7.97 -10.94
C ASN D 8 -23.11 9.37 -10.69
N LEU D 9 -22.86 10.09 -11.78
CA LEU D 9 -22.33 11.44 -11.67
C LEU D 9 -23.49 12.40 -11.44
N LEU D 10 -23.30 13.32 -10.50
CA LEU D 10 -24.31 14.32 -10.15
C LEU D 10 -23.81 15.73 -10.48
N ASP D 11 -24.71 16.58 -10.99
CA ASP D 11 -24.36 17.95 -11.33
C ASP D 11 -24.18 18.83 -10.09
#